data_5TKC
#
_entry.id   5TKC
#
_cell.length_a   109.848
_cell.length_b   109.848
_cell.length_c   54.882
_cell.angle_alpha   90.000
_cell.angle_beta   90.000
_cell.angle_gamma   90.000
#
_symmetry.space_group_name_H-M   'P 42 21 2'
#
loop_
_entity.id
_entity.type
_entity.pdbx_description
1 polymer 'Fructose-bisphosphate aldolase'
2 non-polymer 1,3-DIHYDROXYACETONEPHOSPHATE
3 non-polymer GLYCERALDEHYDE-3-PHOSPHATE
4 non-polymer GLYCEROL
5 water water
#
_entity_poly.entity_id   1
_entity_poly.type   'polypeptide(L)'
_entity_poly.pdbx_seq_one_letter_code
;MSGYGLPISQEVAKELAENARKIAAPGKGILAADESTGTIKKRFDSIGVENTEANRAFYRDLLFSTKGLGQYISGAILFE
ETLYQKSPSGVPMVDLLKAEGIIPGIKVDKGLETLPLTDDEKATMGLDGLSERCKKYYEAGARFAKWRAVLSIDPAKGKP
TNLSITEVAHGLARYAAICQANRLVPIVEPEILTDGSHDITVCAEVTERVLAAVFKALNDHHVLLEGALLKPNMVTHGSD
CPKPASHEEIAFYTVRSLKRTVPPALPGVMFLSGGQSEEDASLNLNEMNKMGPHPFQLSFSYGRALQASCLKAWKGVPEN
KAKAQQVLMERARANGEAQLGKYGGGAGGALAASSLFEKRYVY
;
_entity_poly.pdbx_strand_id   A
#
loop_
_chem_comp.id
_chem_comp.type
_chem_comp.name
_chem_comp.formula
13P non-polymer 1,3-DIHYDROXYACETONEPHOSPHATE 'C3 H7 O6 P'
G3H non-polymer GLYCERALDEHYDE-3-PHOSPHATE 'C3 H7 O6 P'
GOL non-polymer GLYCEROL 'C3 H8 O3'
#
# COMPACT_ATOMS: atom_id res chain seq x y z
N SER A 2 -2.99 28.55 24.29
CA SER A 2 -2.62 28.26 22.92
C SER A 2 -3.65 27.34 22.28
N GLY A 3 -3.59 26.06 22.64
CA GLY A 3 -4.53 25.07 22.14
C GLY A 3 -4.12 24.36 20.86
N TYR A 4 -2.90 24.58 20.38
CA TYR A 4 -2.44 23.96 19.15
C TYR A 4 -1.53 22.79 19.49
N GLY A 5 -1.17 22.06 18.44
CA GLY A 5 -0.30 20.91 18.63
C GLY A 5 1.08 21.34 19.09
N LEU A 6 1.61 20.61 20.06
CA LEU A 6 2.98 20.83 20.47
C LEU A 6 3.90 20.59 19.28
N PRO A 7 5.07 21.21 19.25
CA PRO A 7 5.96 21.01 18.11
C PRO A 7 6.50 19.59 18.09
N ILE A 8 6.45 18.96 16.92
CA ILE A 8 7.12 17.67 16.77
C ILE A 8 8.62 17.87 16.92
N SER A 9 9.28 16.85 17.47
CA SER A 9 10.74 16.84 17.60
C SER A 9 11.37 17.01 16.22
N GLN A 10 12.25 18.01 16.07
CA GLN A 10 12.92 18.18 14.79
C GLN A 10 13.72 16.94 14.40
N GLU A 11 14.33 16.28 15.38
CA GLU A 11 15.12 15.09 15.09
C GLU A 11 14.24 13.96 14.57
N VAL A 12 13.11 13.74 15.22
CA VAL A 12 12.16 12.71 14.78
C VAL A 12 11.57 13.09 13.42
N ALA A 13 11.16 14.34 13.26
CA ALA A 13 10.59 14.80 12.00
C ALA A 13 11.57 14.62 10.85
N LYS A 14 12.84 14.96 11.07
CA LYS A 14 13.85 14.79 10.02
C LYS A 14 13.97 13.33 9.60
N GLU A 15 13.99 12.42 10.58
CA GLU A 15 14.10 11.01 10.27
C GLU A 15 12.91 10.53 9.47
N LEU A 16 11.71 10.94 9.89
CA LEU A 16 10.50 10.52 9.20
C LEU A 16 10.49 11.02 7.76
N ALA A 17 10.83 12.29 7.57
CA ALA A 17 10.80 12.89 6.25
C ALA A 17 11.84 12.26 5.34
N GLU A 18 13.04 12.00 5.87
CA GLU A 18 14.09 11.37 5.09
C GLU A 18 13.70 9.95 4.70
N ASN A 19 13.13 9.19 5.64
CA ASN A 19 12.72 7.84 5.29
C ASN A 19 11.52 7.83 4.34
N ALA A 20 10.59 8.79 4.49
CA ALA A 20 9.48 8.81 3.55
C ALA A 20 9.96 9.10 2.14
N ARG A 21 10.93 10.01 1.98
CA ARG A 21 11.44 10.31 0.65
C ARG A 21 12.24 9.15 0.08
N LYS A 22 12.91 8.36 0.94
CA LYS A 22 13.64 7.19 0.47
C LYS A 22 12.67 6.13 -0.03
N ILE A 23 11.52 6.00 0.64
CA ILE A 23 10.54 5.02 0.21
C ILE A 23 9.93 5.47 -1.12
N ALA A 24 9.65 6.75 -1.26
CA ALA A 24 9.09 7.32 -2.48
C ALA A 24 10.18 7.70 -3.48
N ALA A 25 11.18 6.90 -3.59
CA ALA A 25 12.35 7.24 -4.39
C ALA A 25 12.04 7.07 -5.88
N PRO A 26 12.56 7.94 -6.73
CA PRO A 26 12.30 7.82 -8.17
C PRO A 26 12.68 6.45 -8.73
N GLY A 27 11.79 5.91 -9.56
CA GLY A 27 12.06 4.64 -10.19
C GLY A 27 11.90 3.44 -9.28
N LYS A 28 11.30 3.63 -8.10
CA LYS A 28 11.16 2.56 -7.13
C LYS A 28 9.78 2.63 -6.50
N GLY A 29 9.40 1.51 -5.87
CA GLY A 29 8.17 1.46 -5.11
C GLY A 29 8.23 0.35 -4.08
N ILE A 30 7.07 0.07 -3.48
CA ILE A 30 6.96 -0.86 -2.36
C ILE A 30 6.45 -2.21 -2.82
N LEU A 31 7.06 -3.27 -2.29
CA LEU A 31 6.54 -4.62 -2.38
C LEU A 31 5.67 -4.88 -1.16
N ALA A 32 4.38 -5.09 -1.37
CA ALA A 32 3.45 -5.38 -0.29
C ALA A 32 3.41 -6.88 -0.11
N ALA A 33 4.12 -7.35 0.89
CA ALA A 33 4.23 -8.76 1.20
C ALA A 33 3.69 -9.05 2.58
N ASP A 34 2.73 -8.25 3.05
CA ASP A 34 2.21 -8.32 4.41
C ASP A 34 0.90 -9.10 4.52
N GLU A 35 0.67 -10.08 3.64
CA GLU A 35 -0.52 -10.92 3.76
C GLU A 35 -0.52 -11.65 5.10
N SER A 36 -1.60 -11.47 5.85
CA SER A 36 -1.81 -12.22 7.09
C SER A 36 -1.88 -13.72 6.81
N THR A 37 -1.95 -14.51 7.88
CA THR A 37 -2.02 -15.96 7.75
C THR A 37 -3.21 -16.38 6.90
N GLY A 38 -4.37 -15.74 7.11
CA GLY A 38 -5.56 -16.12 6.37
C GLY A 38 -5.58 -15.60 4.95
N THR A 39 -5.00 -14.42 4.73
CA THR A 39 -4.95 -13.88 3.37
C THR A 39 -3.96 -14.68 2.51
N ILE A 40 -2.80 -15.02 3.07
CA ILE A 40 -1.82 -15.79 2.31
C ILE A 40 -2.36 -17.18 1.99
N LYS A 41 -3.24 -17.70 2.84
CA LYS A 41 -3.92 -18.95 2.52
C LYS A 41 -4.62 -18.83 1.17
N LYS A 42 -5.41 -17.77 0.99
CA LYS A 42 -6.10 -17.56 -0.27
C LYS A 42 -5.10 -17.57 -1.42
N ARG A 43 -4.08 -16.69 -1.35
CA ARG A 43 -3.07 -16.63 -2.39
C ARG A 43 -2.47 -18.01 -2.65
N PHE A 44 -2.17 -18.76 -1.57
CA PHE A 44 -1.62 -20.11 -1.74
C PHE A 44 -2.67 -21.08 -2.27
N ASP A 45 -3.93 -20.93 -1.85
CA ASP A 45 -4.98 -21.82 -2.37
C ASP A 45 -5.08 -21.74 -3.89
N SER A 46 -4.80 -20.57 -4.47
CA SER A 46 -4.89 -20.42 -5.92
C SER A 46 -3.83 -21.21 -6.67
N ILE A 47 -2.84 -21.76 -5.96
CA ILE A 47 -1.79 -22.55 -6.61
C ILE A 47 -1.60 -23.86 -5.85
N GLY A 48 -2.52 -24.17 -4.95
CA GLY A 48 -2.52 -25.44 -4.26
C GLY A 48 -1.27 -25.74 -3.45
N VAL A 49 -1.01 -24.90 -2.46
CA VAL A 49 0.15 -25.04 -1.59
C VAL A 49 -0.30 -25.00 -0.14
N GLU A 50 0.25 -25.88 0.68
CA GLU A 50 -0.14 -25.95 2.08
C GLU A 50 0.48 -24.80 2.86
N ASN A 51 -0.33 -24.15 3.70
CA ASN A 51 0.06 -22.94 4.41
C ASN A 51 0.78 -23.31 5.71
N THR A 52 1.92 -23.96 5.57
CA THR A 52 2.79 -24.20 6.70
C THR A 52 3.67 -22.99 6.94
N GLU A 53 4.12 -22.83 8.20
CA GLU A 53 5.10 -21.79 8.50
C GLU A 53 6.33 -21.94 7.62
N ALA A 54 6.76 -23.18 7.36
CA ALA A 54 7.92 -23.40 6.51
C ALA A 54 7.67 -22.90 5.09
N ASN A 55 6.48 -23.15 4.55
CA ASN A 55 6.17 -22.66 3.21
C ASN A 55 6.15 -21.14 3.16
N ARG A 56 5.53 -20.51 4.16
CA ARG A 56 5.56 -19.05 4.21
C ARG A 56 6.99 -18.54 4.30
N ALA A 57 7.82 -19.17 5.14
CA ALA A 57 9.21 -18.76 5.23
C ALA A 57 9.93 -18.97 3.89
N PHE A 58 9.66 -20.08 3.21
CA PHE A 58 10.28 -20.32 1.91
C PHE A 58 9.89 -19.23 0.91
N TYR A 59 8.59 -18.92 0.85
CA TYR A 59 8.12 -17.95 -0.14
C TYR A 59 8.65 -16.56 0.17
N ARG A 60 8.56 -16.11 1.42
CA ARG A 60 9.06 -14.76 1.71
C ARG A 60 10.55 -14.67 1.44
N ASP A 61 11.30 -15.74 1.73
CA ASP A 61 12.72 -15.76 1.38
C ASP A 61 12.92 -15.71 -0.12
N LEU A 62 12.09 -16.44 -0.88
CA LEU A 62 12.16 -16.35 -2.33
C LEU A 62 12.03 -14.91 -2.79
N LEU A 63 11.04 -14.19 -2.26
CA LEU A 63 10.86 -12.79 -2.63
C LEU A 63 12.08 -11.96 -2.26
N PHE A 64 12.42 -11.95 -0.97
CA PHE A 64 13.35 -10.97 -0.44
C PHE A 64 14.80 -11.26 -0.79
N SER A 65 15.17 -12.50 -1.09
CA SER A 65 16.52 -12.82 -1.52
C SER A 65 16.71 -12.68 -3.02
N THR A 66 15.75 -12.12 -3.73
CA THR A 66 15.91 -11.95 -5.18
C THR A 66 17.03 -10.94 -5.44
N LYS A 67 18.10 -11.37 -6.09
CA LYS A 67 19.22 -10.49 -6.33
C LYS A 67 18.88 -9.32 -7.20
N GLY A 68 19.29 -8.15 -6.76
CA GLY A 68 19.03 -6.94 -7.51
C GLY A 68 17.67 -6.33 -7.31
N LEU A 69 16.87 -6.86 -6.38
CA LEU A 69 15.51 -6.38 -6.21
C LEU A 69 15.49 -4.93 -5.76
N GLY A 70 16.48 -4.51 -4.99
CA GLY A 70 16.54 -3.15 -4.47
C GLY A 70 16.73 -2.08 -5.53
N GLN A 71 17.04 -2.46 -6.78
CA GLN A 71 17.07 -1.47 -7.86
C GLN A 71 15.69 -0.87 -8.10
N TYR A 72 14.63 -1.63 -7.83
CA TYR A 72 13.27 -1.21 -8.12
C TYR A 72 12.36 -1.16 -6.92
N ILE A 73 12.74 -1.78 -5.80
CA ILE A 73 11.92 -1.86 -4.60
C ILE A 73 12.63 -1.05 -3.51
N SER A 74 11.96 -0.04 -3.00
CA SER A 74 12.51 0.81 -1.96
C SER A 74 12.17 0.30 -0.57
N GLY A 75 11.07 -0.43 -0.43
CA GLY A 75 10.58 -0.90 0.85
C GLY A 75 9.71 -2.12 0.68
N ALA A 76 9.58 -2.89 1.75
CA ALA A 76 8.79 -4.12 1.74
C ALA A 76 7.93 -4.12 2.99
N ILE A 77 6.61 -4.19 2.80
CA ILE A 77 5.70 -4.28 3.92
C ILE A 77 5.63 -5.72 4.38
N LEU A 78 5.89 -5.95 5.67
CA LEU A 78 5.87 -7.27 6.27
C LEU A 78 4.68 -7.47 7.20
N PHE A 79 4.25 -8.72 7.29
CA PHE A 79 3.43 -9.18 8.40
C PHE A 79 4.31 -9.45 9.61
N GLU A 80 3.72 -9.34 10.81
CA GLU A 80 4.51 -9.44 12.02
C GLU A 80 5.33 -10.72 12.06
N GLU A 81 4.71 -11.84 11.66
CA GLU A 81 5.42 -13.12 11.67
C GLU A 81 6.74 -13.00 10.92
N THR A 82 6.67 -12.39 9.73
CA THR A 82 7.83 -12.32 8.85
C THR A 82 8.89 -11.39 9.41
N LEU A 83 8.49 -10.31 10.07
CA LEU A 83 9.46 -9.40 10.65
C LEU A 83 10.39 -10.14 11.62
N TYR A 84 9.86 -11.12 12.34
CA TYR A 84 10.63 -11.86 13.34
C TYR A 84 11.00 -13.26 12.86
N GLN A 85 10.98 -13.51 11.56
CA GLN A 85 11.20 -14.84 10.99
C GLN A 85 12.58 -14.94 10.37
N LYS A 86 13.06 -16.18 10.26
CA LYS A 86 14.29 -16.52 9.54
C LYS A 86 13.95 -17.31 8.28
N SER A 87 14.75 -17.11 7.24
CA SER A 87 14.59 -17.88 6.01
C SER A 87 14.86 -19.33 6.34
N PRO A 88 14.49 -20.27 5.46
CA PRO A 88 14.83 -21.68 5.71
C PRO A 88 16.31 -21.91 5.99
N SER A 89 17.18 -21.09 5.41
CA SER A 89 18.62 -21.19 5.62
C SER A 89 19.08 -20.50 6.89
N GLY A 90 18.18 -19.90 7.66
CA GLY A 90 18.54 -19.30 8.93
C GLY A 90 18.84 -17.82 8.90
N VAL A 91 18.66 -17.15 7.77
CA VAL A 91 18.95 -15.72 7.69
C VAL A 91 17.69 -14.96 8.08
N PRO A 92 17.74 -14.03 9.04
CA PRO A 92 16.54 -13.23 9.34
C PRO A 92 16.05 -12.51 8.10
N MET A 93 14.72 -12.48 7.93
CA MET A 93 14.13 -11.82 6.78
C MET A 93 14.58 -10.37 6.68
N VAL A 94 14.65 -9.66 7.81
CA VAL A 94 15.08 -8.27 7.78
C VAL A 94 16.49 -8.15 7.23
N ASP A 95 17.34 -9.15 7.47
CA ASP A 95 18.70 -9.09 6.97
C ASP A 95 18.75 -9.25 5.46
N LEU A 96 17.86 -10.07 4.88
CA LEU A 96 17.77 -10.15 3.43
C LEU A 96 17.40 -8.80 2.85
N LEU A 97 16.44 -8.13 3.48
CA LEU A 97 16.02 -6.82 3.00
C LEU A 97 17.18 -5.83 3.08
N LYS A 98 17.84 -5.75 4.24
CA LYS A 98 18.90 -4.78 4.42
C LYS A 98 20.03 -5.01 3.43
N ALA A 99 20.31 -6.27 3.08
CA ALA A 99 21.37 -6.56 2.12
C ALA A 99 21.07 -5.99 0.75
N GLU A 100 19.80 -5.84 0.41
CA GLU A 100 19.41 -5.19 -0.84
C GLU A 100 19.14 -3.70 -0.64
N GLY A 101 19.32 -3.20 0.58
CA GLY A 101 18.98 -1.82 0.86
C GLY A 101 17.50 -1.52 0.82
N ILE A 102 16.65 -2.52 1.02
CA ILE A 102 15.21 -2.34 1.05
C ILE A 102 14.80 -2.05 2.49
N ILE A 103 14.02 -1.00 2.69
CA ILE A 103 13.57 -0.61 4.03
C ILE A 103 12.47 -1.56 4.49
N PRO A 104 12.56 -2.16 5.68
CA PRO A 104 11.45 -2.97 6.18
C PRO A 104 10.31 -2.13 6.73
N GLY A 105 9.09 -2.59 6.44
CA GLY A 105 7.90 -1.97 6.96
C GLY A 105 6.99 -3.04 7.56
N ILE A 106 6.02 -2.59 8.35
CA ILE A 106 5.23 -3.52 9.14
C ILE A 106 3.76 -3.10 9.10
N LYS A 107 2.87 -4.06 8.86
CA LYS A 107 1.42 -3.84 8.90
C LYS A 107 1.06 -3.80 10.38
N VAL A 108 0.34 -2.79 10.84
CA VAL A 108 0.08 -2.66 12.27
C VAL A 108 -1.40 -2.65 12.62
N ASP A 109 -2.30 -2.70 11.64
CA ASP A 109 -3.71 -2.79 12.01
C ASP A 109 -4.07 -4.21 12.42
N LYS A 110 -5.19 -4.32 13.13
CA LYS A 110 -5.72 -5.59 13.61
C LYS A 110 -6.97 -5.99 12.85
N GLY A 111 -7.11 -5.52 11.64
CA GLY A 111 -8.20 -5.95 10.79
C GLY A 111 -9.46 -5.13 10.96
N LEU A 112 -10.53 -5.70 10.42
CA LEU A 112 -11.77 -4.96 10.20
C LEU A 112 -12.87 -5.49 11.09
N GLU A 113 -13.75 -4.59 11.53
CA GLU A 113 -14.93 -4.96 12.30
C GLU A 113 -16.11 -4.13 11.85
N THR A 114 -17.29 -4.74 11.78
CA THR A 114 -18.46 -3.99 11.34
C THR A 114 -18.79 -2.88 12.33
N LEU A 115 -19.09 -1.71 11.78
CA LEU A 115 -19.63 -0.62 12.58
C LEU A 115 -21.08 -0.93 12.92
N PRO A 116 -21.47 -0.88 14.19
CA PRO A 116 -22.86 -1.22 14.54
C PRO A 116 -23.87 -0.41 13.75
N LEU A 117 -24.92 -1.08 13.31
CA LEU A 117 -26.07 -0.50 12.64
C LEU A 117 -25.73 0.14 11.29
N THR A 118 -24.66 -0.35 10.68
CA THR A 118 -24.39 -0.08 9.28
C THR A 118 -24.61 -1.35 8.48
N ASP A 119 -24.69 -1.19 7.16
CA ASP A 119 -24.84 -2.35 6.29
C ASP A 119 -23.45 -2.89 5.99
N ASP A 120 -22.86 -3.51 7.01
N ASP A 120 -22.88 -3.53 7.02
CA ASP A 120 -21.59 -4.21 6.85
CA ASP A 120 -21.58 -4.20 6.93
C ASP A 120 -20.45 -3.27 6.47
C ASP A 120 -20.49 -3.26 6.43
N GLU A 121 -20.48 -2.03 6.93
CA GLU A 121 -19.38 -1.11 6.72
C GLU A 121 -18.37 -1.28 7.87
N LYS A 122 -17.10 -1.10 7.55
CA LYS A 122 -16.00 -1.60 8.39
C LYS A 122 -15.21 -0.48 9.06
N ALA A 123 -14.99 -0.66 10.37
CA ALA A 123 -13.95 0.05 11.09
C ALA A 123 -12.67 -0.77 11.05
N THR A 124 -11.53 -0.09 11.04
CA THR A 124 -10.24 -0.73 11.24
C THR A 124 -9.83 -0.64 12.70
N MET A 125 -9.52 -1.79 13.27
CA MET A 125 -9.14 -1.93 14.66
C MET A 125 -7.63 -1.95 14.78
N GLY A 126 -7.14 -1.61 15.97
CA GLY A 126 -5.72 -1.79 16.27
C GLY A 126 -5.03 -0.69 17.03
N LEU A 127 -5.75 0.35 17.45
CA LEU A 127 -5.07 1.42 18.18
C LEU A 127 -4.60 0.98 19.56
N ASP A 128 -5.24 -0.01 20.17
CA ASP A 128 -4.87 -0.39 21.52
C ASP A 128 -3.51 -1.08 21.48
N GLY A 129 -2.55 -0.59 22.28
CA GLY A 129 -1.21 -1.13 22.26
C GLY A 129 -0.40 -0.74 21.05
N LEU A 130 -0.94 0.09 20.17
CA LEU A 130 -0.24 0.40 18.94
C LEU A 130 1.08 1.10 19.23
N SER A 131 1.07 2.07 20.14
CA SER A 131 2.28 2.83 20.40
C SER A 131 3.39 1.90 20.89
N GLU A 132 3.06 0.96 21.78
CA GLU A 132 4.06 0.01 22.29
C GLU A 132 4.50 -0.95 21.19
N ARG A 133 3.57 -1.41 20.34
CA ARG A 133 3.96 -2.24 19.21
C ARG A 133 4.93 -1.49 18.29
N CYS A 134 4.65 -0.22 18.01
CA CYS A 134 5.52 0.55 17.12
C CYS A 134 6.94 0.59 17.63
N LYS A 135 7.10 0.79 18.94
CA LYS A 135 8.43 0.83 19.54
C LYS A 135 9.18 -0.47 19.30
N LYS A 136 8.53 -1.61 19.55
CA LYS A 136 9.15 -2.91 19.33
C LYS A 136 9.48 -3.12 17.86
N TYR A 137 8.56 -2.76 16.97
CA TYR A 137 8.81 -2.94 15.54
C TYR A 137 9.99 -2.07 15.07
N TYR A 138 10.11 -0.86 15.58
CA TYR A 138 11.25 -0.04 15.23
C TYR A 138 12.55 -0.71 15.68
N GLU A 139 12.55 -1.28 16.88
CA GLU A 139 13.76 -1.94 17.37
C GLU A 139 14.09 -3.16 16.53
N ALA A 140 13.07 -3.83 15.98
CA ALA A 140 13.25 -4.97 15.10
C ALA A 140 13.67 -4.57 13.69
N GLY A 141 13.68 -3.28 13.36
CA GLY A 141 14.17 -2.81 12.06
C GLY A 141 13.13 -2.18 11.14
N ALA A 142 11.85 -2.17 11.51
CA ALA A 142 10.85 -1.48 10.69
C ALA A 142 11.08 0.03 10.76
N ARG A 143 10.95 0.70 9.61
CA ARG A 143 10.96 2.14 9.57
C ARG A 143 9.68 2.75 9.00
N PHE A 144 8.73 1.94 8.56
CA PHE A 144 7.43 2.45 8.17
C PHE A 144 6.37 1.43 8.52
N ALA A 145 5.13 1.91 8.57
CA ALA A 145 3.98 1.11 8.97
C ALA A 145 2.88 1.23 7.94
N LYS A 146 1.90 0.34 8.07
CA LYS A 146 0.77 0.37 7.18
C LYS A 146 -0.51 0.00 7.94
N TRP A 147 -1.58 0.73 7.62
CA TRP A 147 -2.89 0.53 8.25
C TRP A 147 -3.94 0.62 7.16
N ARG A 148 -4.69 -0.45 6.95
CA ARG A 148 -5.68 -0.53 5.88
C ARG A 148 -7.08 -0.26 6.42
N ALA A 149 -7.74 0.75 5.85
CA ALA A 149 -9.18 0.98 6.01
C ALA A 149 -9.87 0.71 4.67
N VAL A 150 -11.15 0.34 4.73
N VAL A 150 -11.13 0.29 4.72
CA VAL A 150 -11.90 -0.11 3.57
CA VAL A 150 -11.86 -0.07 3.51
C VAL A 150 -13.24 0.60 3.51
C VAL A 150 -13.21 0.63 3.50
N LEU A 151 -13.58 1.12 2.33
CA LEU A 151 -14.87 1.72 2.06
C LEU A 151 -15.46 1.06 0.83
N SER A 152 -16.78 1.08 0.75
CA SER A 152 -17.54 0.48 -0.35
C SER A 152 -18.36 1.57 -1.02
N ILE A 153 -18.52 1.45 -2.34
CA ILE A 153 -19.45 2.28 -3.11
C ILE A 153 -20.71 1.48 -3.36
N ASP A 154 -21.85 2.04 -2.99
CA ASP A 154 -23.15 1.42 -3.25
C ASP A 154 -24.17 2.53 -3.27
N PRO A 155 -24.48 3.08 -4.46
CA PRO A 155 -25.33 4.27 -4.49
C PRO A 155 -26.70 4.02 -3.92
N ALA A 156 -27.24 2.82 -4.15
CA ALA A 156 -28.56 2.50 -3.65
C ALA A 156 -28.60 2.47 -2.12
N LYS A 157 -27.49 2.12 -1.48
CA LYS A 157 -27.43 2.06 -0.04
C LYS A 157 -26.74 3.28 0.58
N GLY A 158 -26.39 4.27 -0.23
CA GLY A 158 -25.73 5.44 0.28
C GLY A 158 -24.34 5.18 0.83
N LYS A 159 -23.67 4.14 0.36
CA LYS A 159 -22.31 3.84 0.77
C LYS A 159 -21.29 4.48 -0.17
N PRO A 160 -20.21 5.06 0.39
CA PRO A 160 -19.89 5.03 1.83
C PRO A 160 -20.68 6.06 2.60
N THR A 161 -21.26 5.64 3.73
CA THR A 161 -22.01 6.53 4.58
C THR A 161 -21.09 7.52 5.32
N ASN A 162 -21.72 8.55 5.90
CA ASN A 162 -20.97 9.53 6.70
C ASN A 162 -20.22 8.85 7.82
N LEU A 163 -20.85 7.90 8.49
CA LEU A 163 -20.19 7.24 9.62
C LEU A 163 -18.98 6.45 9.15
N SER A 164 -19.12 5.70 8.04
CA SER A 164 -17.97 5.02 7.45
C SER A 164 -16.80 5.98 7.21
N ILE A 165 -17.05 7.10 6.53
CA ILE A 165 -15.94 8.01 6.20
C ILE A 165 -15.33 8.61 7.45
N THR A 166 -16.18 9.04 8.39
CA THR A 166 -15.68 9.60 9.63
C THR A 166 -14.82 8.61 10.40
N GLU A 167 -15.27 7.37 10.51
CA GLU A 167 -14.50 6.36 11.23
C GLU A 167 -13.18 6.07 10.54
N VAL A 168 -13.20 5.91 9.22
CA VAL A 168 -11.97 5.63 8.46
C VAL A 168 -10.96 6.74 8.71
N ALA A 169 -11.41 7.99 8.57
CA ALA A 169 -10.50 9.12 8.75
C ALA A 169 -9.95 9.19 10.16
N HIS A 170 -10.80 8.90 11.17
CA HIS A 170 -10.35 9.01 12.56
C HIS A 170 -9.30 7.97 12.84
N GLY A 171 -9.56 6.73 12.46
CA GLY A 171 -8.60 5.68 12.76
C GLY A 171 -7.27 5.91 12.07
N LEU A 172 -7.32 6.38 10.81
CA LEU A 172 -6.08 6.62 10.06
C LEU A 172 -5.28 7.74 10.67
N ALA A 173 -5.97 8.78 11.14
CA ALA A 173 -5.27 9.93 11.72
C ALA A 173 -4.63 9.56 13.05
N ARG A 174 -5.36 8.83 13.91
CA ARG A 174 -4.80 8.40 15.19
C ARG A 174 -3.60 7.51 14.95
N TYR A 175 -3.77 6.50 14.09
CA TYR A 175 -2.69 5.59 13.76
C TYR A 175 -1.46 6.34 13.24
N ALA A 176 -1.67 7.32 12.34
CA ALA A 176 -0.54 8.01 11.75
C ALA A 176 0.21 8.83 12.78
N ALA A 177 -0.52 9.51 13.68
CA ALA A 177 0.15 10.30 14.71
C ALA A 177 0.93 9.40 15.68
N ILE A 178 0.36 8.24 16.02
CA ILE A 178 1.03 7.31 16.91
C ILE A 178 2.31 6.78 16.27
N CYS A 179 2.23 6.39 14.99
CA CYS A 179 3.42 5.96 14.26
C CYS A 179 4.51 7.01 14.32
N GLN A 180 4.16 8.26 14.00
CA GLN A 180 5.18 9.28 13.92
C GLN A 180 5.80 9.58 15.28
N ALA A 181 5.02 9.38 16.35
CA ALA A 181 5.57 9.54 17.68
C ALA A 181 6.61 8.47 18.00
N ASN A 182 6.59 7.37 17.25
CA ASN A 182 7.48 6.24 17.47
C ASN A 182 8.46 6.05 16.32
N ARG A 183 8.65 7.08 15.50
CA ARG A 183 9.68 7.14 14.47
C ARG A 183 9.39 6.21 13.29
N LEU A 184 8.13 5.86 13.07
CA LEU A 184 7.71 5.10 11.90
C LEU A 184 6.93 5.98 10.95
N VAL A 185 7.30 5.93 9.66
CA VAL A 185 6.55 6.63 8.61
C VAL A 185 5.21 5.93 8.42
N PRO A 186 4.06 6.59 8.60
CA PRO A 186 2.79 5.89 8.40
C PRO A 186 2.37 5.91 6.93
N ILE A 187 2.10 4.74 6.37
CA ILE A 187 1.33 4.64 5.12
C ILE A 187 -0.16 4.67 5.46
N VAL A 188 -0.84 5.65 4.90
CA VAL A 188 -2.25 5.92 5.13
C VAL A 188 -3.01 5.28 3.98
N GLU A 189 -3.74 4.18 4.25
CA GLU A 189 -4.39 3.40 3.20
C GLU A 189 -5.90 3.44 3.36
N PRO A 190 -6.58 4.41 2.73
CA PRO A 190 -8.05 4.38 2.67
C PRO A 190 -8.50 3.75 1.36
N GLU A 191 -8.73 2.43 1.35
CA GLU A 191 -9.03 1.72 0.12
C GLU A 191 -10.53 1.78 -0.15
N ILE A 192 -10.91 2.39 -1.26
CA ILE A 192 -12.26 2.30 -1.78
C ILE A 192 -12.31 1.09 -2.69
N LEU A 193 -13.12 0.11 -2.29
CA LEU A 193 -13.16 -1.14 -3.02
C LEU A 193 -13.80 -0.94 -4.38
N THR A 194 -13.45 -1.81 -5.33
CA THR A 194 -14.02 -1.72 -6.67
C THR A 194 -15.37 -2.41 -6.79
N ASP A 195 -15.85 -3.07 -5.73
CA ASP A 195 -17.10 -3.83 -5.79
C ASP A 195 -18.22 -2.96 -6.35
N GLY A 196 -18.98 -3.50 -7.30
CA GLY A 196 -20.14 -2.82 -7.87
C GLY A 196 -19.96 -2.51 -9.34
N SER A 197 -21.00 -1.88 -9.90
CA SER A 197 -21.04 -1.58 -11.32
C SER A 197 -21.07 -0.07 -11.60
N HIS A 198 -20.60 0.72 -10.65
CA HIS A 198 -20.52 2.15 -10.80
C HIS A 198 -19.46 2.53 -11.83
N ASP A 199 -19.63 3.72 -12.39
CA ASP A 199 -18.73 4.29 -13.38
C ASP A 199 -17.49 4.89 -12.72
N ILE A 200 -16.47 5.14 -13.55
CA ILE A 200 -15.23 5.73 -13.05
C ILE A 200 -15.49 7.13 -12.46
N THR A 201 -16.50 7.84 -12.97
CA THR A 201 -16.79 9.17 -12.45
C THR A 201 -17.37 9.09 -11.04
N VAL A 202 -18.13 8.03 -10.74
CA VAL A 202 -18.59 7.81 -9.37
C VAL A 202 -17.40 7.48 -8.45
N CYS A 203 -16.52 6.59 -8.89
CA CYS A 203 -15.31 6.35 -8.12
C CYS A 203 -14.55 7.65 -7.87
N ALA A 204 -14.51 8.54 -8.85
CA ALA A 204 -13.75 9.78 -8.69
C ALA A 204 -14.37 10.67 -7.62
N GLU A 205 -15.69 10.81 -7.65
CA GLU A 205 -16.40 11.64 -6.67
C GLU A 205 -16.21 11.11 -5.26
N VAL A 206 -16.36 9.80 -5.08
CA VAL A 206 -16.21 9.19 -3.76
C VAL A 206 -14.76 9.32 -3.27
N THR A 207 -13.80 9.01 -4.15
CA THR A 207 -12.39 9.15 -3.77
C THR A 207 -12.08 10.55 -3.32
N GLU A 208 -12.61 11.56 -4.01
CA GLU A 208 -12.35 12.94 -3.59
C GLU A 208 -12.95 13.22 -2.22
N ARG A 209 -14.20 12.82 -2.01
CA ARG A 209 -14.81 13.06 -0.70
C ARG A 209 -14.03 12.39 0.41
N VAL A 210 -13.62 11.12 0.19
CA VAL A 210 -12.89 10.37 1.19
C VAL A 210 -11.53 11.01 1.49
N LEU A 211 -10.78 11.36 0.45
CA LEU A 211 -9.44 11.94 0.67
C LEU A 211 -9.52 13.30 1.31
N ALA A 212 -10.52 14.11 0.94
CA ALA A 212 -10.71 15.39 1.61
C ALA A 212 -10.90 15.20 3.11
N ALA A 213 -11.70 14.20 3.49
CA ALA A 213 -11.96 13.93 4.90
C ALA A 213 -10.71 13.40 5.60
N VAL A 214 -10.01 12.50 4.93
CA VAL A 214 -8.80 11.92 5.49
C VAL A 214 -7.78 13.01 5.77
N PHE A 215 -7.52 13.86 4.76
CA PHE A 215 -6.46 14.83 4.98
C PHE A 215 -6.86 15.91 5.99
N LYS A 216 -8.15 16.28 6.06
CA LYS A 216 -8.56 17.17 7.15
C LYS A 216 -8.30 16.51 8.50
N ALA A 217 -8.59 15.21 8.63
CA ALA A 217 -8.36 14.54 9.91
C ALA A 217 -6.87 14.43 10.22
N LEU A 218 -6.04 14.14 9.22
CA LEU A 218 -4.61 14.15 9.46
C LEU A 218 -4.18 15.50 10.02
N ASN A 219 -4.68 16.60 9.43
CA ASN A 219 -4.32 17.91 9.94
C ASN A 219 -4.78 18.08 11.39
N ASP A 220 -6.03 17.69 11.68
CA ASP A 220 -6.59 17.79 13.02
C ASP A 220 -5.76 17.06 14.07
N HIS A 221 -5.14 15.94 13.70
CA HIS A 221 -4.38 15.10 14.62
C HIS A 221 -2.89 15.40 14.60
N HIS A 222 -2.47 16.45 13.91
CA HIS A 222 -1.09 16.94 13.96
C HIS A 222 -0.14 15.99 13.24
N VAL A 223 -0.62 15.33 12.20
CA VAL A 223 0.21 14.42 11.42
C VAL A 223 1.09 15.23 10.49
N LEU A 224 2.37 14.91 10.48
CA LEU A 224 3.38 15.53 9.64
C LEU A 224 3.32 14.92 8.23
N LEU A 225 2.80 15.69 7.26
CA LEU A 225 2.66 15.16 5.91
C LEU A 225 4.01 14.87 5.27
N GLU A 226 5.04 15.66 5.62
CA GLU A 226 6.38 15.45 5.12
C GLU A 226 6.90 14.07 5.47
N GLY A 227 6.39 13.47 6.54
CA GLY A 227 6.84 12.17 6.97
C GLY A 227 5.77 11.10 6.89
N ALA A 228 4.88 11.22 5.90
CA ALA A 228 3.83 10.22 5.69
C ALA A 228 3.72 9.88 4.21
N LEU A 229 2.99 8.81 3.92
CA LEU A 229 2.73 8.38 2.55
C LEU A 229 1.26 8.01 2.45
N LEU A 230 0.70 8.16 1.24
CA LEU A 230 -0.67 7.78 0.95
C LEU A 230 -0.68 6.56 0.04
N LYS A 231 -1.55 5.59 0.36
CA LYS A 231 -1.74 4.39 -0.44
C LYS A 231 -3.22 4.31 -0.80
N PRO A 232 -3.62 4.97 -1.87
CA PRO A 232 -5.04 5.00 -2.24
C PRO A 232 -5.35 4.01 -3.34
N ASN A 233 -6.63 3.77 -3.57
CA ASN A 233 -7.03 3.14 -4.81
C ASN A 233 -6.76 4.08 -5.98
N MET A 234 -6.42 3.49 -7.14
CA MET A 234 -6.59 4.23 -8.39
C MET A 234 -8.08 4.49 -8.60
N VAL A 235 -8.39 5.46 -9.46
CA VAL A 235 -9.78 5.74 -9.79
C VAL A 235 -10.16 4.95 -11.04
N THR A 236 -11.10 4.01 -10.90
CA THR A 236 -11.46 3.07 -11.94
C THR A 236 -12.96 2.82 -11.93
N HIS A 237 -13.46 2.23 -13.01
CA HIS A 237 -14.80 1.63 -13.03
C HIS A 237 -14.91 0.56 -11.93
N GLY A 238 -16.15 0.30 -11.52
CA GLY A 238 -16.40 -0.82 -10.63
C GLY A 238 -16.07 -2.15 -11.29
N SER A 239 -15.80 -3.14 -10.45
CA SER A 239 -15.35 -4.44 -10.91
C SER A 239 -16.45 -5.23 -11.62
N ASP A 240 -17.71 -4.86 -11.46
CA ASP A 240 -18.79 -5.51 -12.21
C ASP A 240 -19.03 -4.91 -13.59
N CYS A 241 -18.28 -3.87 -13.96
CA CYS A 241 -18.45 -3.25 -15.28
C CYS A 241 -17.84 -4.15 -16.35
N PRO A 242 -18.56 -4.41 -17.45
CA PRO A 242 -17.99 -5.27 -18.48
C PRO A 242 -16.83 -4.63 -19.23
N LYS A 243 -16.79 -3.30 -19.31
CA LYS A 243 -15.76 -2.57 -20.03
C LYS A 243 -14.81 -1.91 -19.05
N PRO A 244 -13.55 -2.36 -18.94
CA PRO A 244 -12.60 -1.63 -18.08
C PRO A 244 -12.23 -0.30 -18.70
N ALA A 245 -12.13 0.73 -17.85
CA ALA A 245 -11.75 2.06 -18.33
C ALA A 245 -10.39 1.98 -19.02
N SER A 246 -10.17 2.88 -19.98
CA SER A 246 -8.87 2.94 -20.64
C SER A 246 -7.80 3.39 -19.65
N HIS A 247 -6.55 3.02 -19.95
CA HIS A 247 -5.45 3.47 -19.12
C HIS A 247 -5.36 4.99 -19.09
N GLU A 248 -5.68 5.64 -20.21
CA GLU A 248 -5.66 7.10 -20.24
C GLU A 248 -6.71 7.69 -19.30
N GLU A 249 -7.91 7.10 -19.29
CA GLU A 249 -8.97 7.56 -18.40
C GLU A 249 -8.60 7.33 -16.94
N ILE A 250 -8.13 6.13 -16.63
CA ILE A 250 -7.80 5.85 -15.24
C ILE A 250 -6.72 6.82 -14.77
N ALA A 251 -5.74 7.09 -15.64
CA ALA A 251 -4.66 7.98 -15.25
C ALA A 251 -5.19 9.39 -15.02
N PHE A 252 -6.05 9.85 -15.92
CA PHE A 252 -6.56 11.21 -15.80
C PHE A 252 -7.36 11.39 -14.51
N TYR A 253 -8.33 10.51 -14.28
CA TYR A 253 -9.18 10.68 -13.11
C TYR A 253 -8.44 10.43 -11.81
N THR A 254 -7.44 9.54 -11.82
CA THR A 254 -6.69 9.30 -10.60
C THR A 254 -5.85 10.51 -10.24
N VAL A 255 -5.11 11.05 -11.21
CA VAL A 255 -4.29 12.22 -10.93
C VAL A 255 -5.17 13.38 -10.52
N ARG A 256 -6.30 13.58 -11.22
CA ARG A 256 -7.21 14.67 -10.88
C ARG A 256 -7.70 14.56 -9.45
N SER A 257 -8.06 13.35 -9.02
CA SER A 257 -8.61 13.21 -7.68
C SER A 257 -7.56 13.52 -6.63
N LEU A 258 -6.30 13.11 -6.87
CA LEU A 258 -5.24 13.44 -5.95
C LEU A 258 -4.95 14.94 -5.93
N LYS A 259 -4.83 15.56 -7.11
CA LYS A 259 -4.49 16.97 -7.14
C LYS A 259 -5.60 17.82 -6.54
N ARG A 260 -6.84 17.32 -6.51
CA ARG A 260 -7.90 18.09 -5.89
C ARG A 260 -7.95 17.98 -4.37
N THR A 261 -7.20 17.04 -3.76
CA THR A 261 -7.36 16.77 -2.33
C THR A 261 -6.08 16.65 -1.52
N VAL A 262 -4.94 16.33 -2.12
CA VAL A 262 -3.74 15.95 -1.39
C VAL A 262 -2.78 17.14 -1.35
N PRO A 263 -2.46 17.67 -0.18
CA PRO A 263 -1.50 18.77 -0.13
C PRO A 263 -0.13 18.30 -0.58
N PRO A 264 0.62 19.15 -1.28
CA PRO A 264 1.85 18.68 -1.92
C PRO A 264 3.04 18.52 -0.99
N ALA A 265 2.89 18.85 0.30
CA ALA A 265 3.90 18.47 1.27
C ALA A 265 4.02 16.96 1.44
N LEU A 266 3.00 16.20 1.08
CA LEU A 266 3.12 14.75 1.13
C LEU A 266 4.11 14.29 0.06
N PRO A 267 5.10 13.45 0.41
CA PRO A 267 6.17 13.13 -0.56
C PRO A 267 5.78 12.10 -1.59
N GLY A 268 4.79 11.26 -1.31
CA GLY A 268 4.53 10.13 -2.18
C GLY A 268 3.14 9.53 -2.03
N VAL A 269 2.61 9.11 -3.18
CA VAL A 269 1.37 8.37 -3.29
C VAL A 269 1.73 7.02 -3.92
N MET A 270 1.52 5.98 -3.17
CA MET A 270 1.96 4.64 -3.51
C MET A 270 0.71 3.79 -3.72
N PHE A 271 0.30 3.61 -4.96
CA PHE A 271 -1.02 3.03 -5.23
C PHE A 271 -1.10 1.56 -4.87
N LEU A 272 -2.24 1.16 -4.31
CA LEU A 272 -2.61 -0.24 -4.27
C LEU A 272 -3.12 -0.69 -5.62
N SER A 273 -2.96 -1.98 -5.92
CA SER A 273 -3.40 -2.48 -7.23
C SER A 273 -4.81 -3.04 -7.19
N GLY A 274 -5.30 -3.41 -6.01
CA GLY A 274 -6.70 -3.74 -5.80
C GLY A 274 -7.39 -4.60 -6.85
N GLY A 275 -6.79 -5.73 -7.21
CA GLY A 275 -7.42 -6.68 -8.11
C GLY A 275 -7.04 -6.56 -9.58
N GLN A 276 -6.42 -5.44 -9.97
CA GLN A 276 -5.96 -5.27 -11.34
C GLN A 276 -4.94 -6.34 -11.72
N SER A 277 -4.87 -6.62 -13.01
CA SER A 277 -3.83 -7.50 -13.52
C SER A 277 -2.45 -6.87 -13.35
N GLU A 278 -1.42 -7.73 -13.34
CA GLU A 278 -0.05 -7.24 -13.27
C GLU A 278 0.20 -6.18 -14.34
N GLU A 279 -0.23 -6.45 -15.57
CA GLU A 279 0.09 -5.53 -16.66
C GLU A 279 -0.76 -4.26 -16.56
N ASP A 280 -2.02 -4.36 -16.14
CA ASP A 280 -2.83 -3.16 -15.99
C ASP A 280 -2.23 -2.24 -14.93
N ALA A 281 -1.80 -2.83 -13.81
CA ALA A 281 -1.23 -2.03 -12.72
C ALA A 281 -0.03 -1.25 -13.20
N SER A 282 0.82 -1.87 -14.03
CA SER A 282 1.98 -1.18 -14.56
C SER A 282 1.58 -0.12 -15.59
N LEU A 283 0.66 -0.46 -16.49
CA LEU A 283 0.30 0.46 -17.55
C LEU A 283 -0.43 1.69 -16.99
N ASN A 284 -1.27 1.49 -15.99
CA ASN A 284 -1.98 2.61 -15.39
C ASN A 284 -1.03 3.56 -14.69
N LEU A 285 -0.06 3.02 -13.96
CA LEU A 285 0.92 3.88 -13.30
C LEU A 285 1.78 4.58 -14.33
N ASN A 286 2.22 3.84 -15.36
CA ASN A 286 3.00 4.45 -16.41
C ASN A 286 2.27 5.62 -17.04
N GLU A 287 0.97 5.44 -17.31
CA GLU A 287 0.21 6.50 -17.94
C GLU A 287 0.18 7.75 -17.07
N MET A 288 0.03 7.58 -15.75
CA MET A 288 0.05 8.74 -14.86
C MET A 288 1.39 9.48 -14.91
N ASN A 289 2.49 8.74 -15.04
CA ASN A 289 3.79 9.40 -15.05
C ASN A 289 4.24 9.82 -16.43
N LYS A 290 3.44 9.59 -17.46
CA LYS A 290 3.66 10.30 -18.72
C LYS A 290 3.12 11.71 -18.62
N MET A 291 2.12 11.95 -17.78
CA MET A 291 1.51 13.26 -17.64
C MET A 291 2.13 14.08 -16.51
N GLY A 292 3.35 13.75 -16.10
CA GLY A 292 4.09 14.52 -15.10
C GLY A 292 4.83 15.68 -15.71
N PRO A 293 5.69 16.37 -14.93
CA PRO A 293 6.04 16.06 -13.54
C PRO A 293 4.96 16.45 -12.56
N HIS A 294 4.92 15.76 -11.43
CA HIS A 294 3.85 15.92 -10.46
C HIS A 294 4.34 16.54 -9.18
N PRO A 295 3.43 17.06 -8.35
CA PRO A 295 3.83 17.67 -7.07
C PRO A 295 4.25 16.67 -6.01
N PHE A 296 3.96 15.39 -6.21
CA PHE A 296 4.40 14.31 -5.34
C PHE A 296 4.74 13.13 -6.22
N GLN A 297 5.53 12.20 -5.70
CA GLN A 297 5.85 11.00 -6.46
C GLN A 297 4.63 10.11 -6.55
N LEU A 298 4.34 9.65 -7.76
CA LEU A 298 3.28 8.70 -8.00
C LEU A 298 3.95 7.37 -8.26
N SER A 299 3.72 6.42 -7.37
CA SER A 299 4.40 5.14 -7.51
C SER A 299 3.49 4.01 -7.05
N PHE A 300 4.06 2.91 -6.57
CA PHE A 300 3.29 1.69 -6.35
C PHE A 300 3.58 1.10 -4.97
N SER A 301 2.56 0.52 -4.38
CA SER A 301 2.72 -0.40 -3.25
C SER A 301 1.85 -1.60 -3.58
N TYR A 302 2.42 -2.53 -4.33
CA TYR A 302 1.68 -3.60 -4.96
C TYR A 302 1.93 -4.90 -4.25
N GLY A 303 0.86 -5.66 -4.04
CA GLY A 303 0.97 -7.03 -3.56
C GLY A 303 0.74 -7.99 -4.71
N ARG A 304 -0.53 -8.19 -5.06
CA ARG A 304 -0.88 -9.10 -6.15
C ARG A 304 -0.20 -8.72 -7.45
N ALA A 305 -0.14 -7.43 -7.75
CA ALA A 305 0.38 -6.99 -9.04
C ALA A 305 1.89 -7.18 -9.14
N LEU A 306 2.59 -7.47 -8.04
CA LEU A 306 4.00 -7.86 -8.10
C LEU A 306 4.24 -9.35 -7.92
N GLN A 307 3.27 -10.09 -7.39
CA GLN A 307 3.49 -11.47 -6.98
C GLN A 307 2.70 -12.50 -7.75
N ALA A 308 1.63 -12.10 -8.46
CA ALA A 308 0.72 -13.06 -9.08
C ALA A 308 1.47 -14.08 -9.92
N SER A 309 2.24 -13.61 -10.90
CA SER A 309 2.97 -14.54 -11.78
C SER A 309 4.12 -15.21 -11.04
N CYS A 310 4.72 -14.53 -10.07
CA CYS A 310 5.75 -15.15 -9.26
C CYS A 310 5.20 -16.38 -8.55
N LEU A 311 3.98 -16.26 -8.00
CA LEU A 311 3.34 -17.41 -7.34
C LEU A 311 3.08 -18.54 -8.35
N LYS A 312 2.40 -18.21 -9.45
CA LYS A 312 2.07 -19.21 -10.47
C LYS A 312 3.31 -19.88 -11.05
N ALA A 313 4.44 -19.17 -11.06
CA ALA A 313 5.69 -19.79 -11.53
C ALA A 313 6.31 -20.66 -10.45
N TRP A 314 6.11 -20.30 -9.19
CA TRP A 314 6.66 -21.10 -8.10
C TRP A 314 5.87 -22.40 -7.94
N LYS A 315 4.54 -22.31 -7.88
CA LYS A 315 3.66 -23.46 -7.77
C LYS A 315 3.93 -24.29 -6.52
N GLY A 316 4.56 -23.70 -5.51
CA GLY A 316 4.97 -24.45 -4.35
C GLY A 316 6.14 -25.39 -4.60
N VAL A 317 6.63 -25.48 -5.82
CA VAL A 317 7.71 -26.40 -6.18
C VAL A 317 9.03 -25.71 -5.88
N PRO A 318 9.88 -26.26 -5.01
CA PRO A 318 11.18 -25.63 -4.75
C PRO A 318 11.97 -25.32 -6.02
N GLU A 319 12.09 -26.31 -6.91
CA GLU A 319 12.97 -26.19 -8.07
C GLU A 319 12.68 -24.97 -8.92
N ASN A 320 11.47 -24.43 -8.85
CA ASN A 320 11.07 -23.27 -9.63
C ASN A 320 11.45 -21.95 -8.97
N LYS A 321 12.39 -21.96 -8.03
CA LYS A 321 12.72 -20.75 -7.27
C LYS A 321 13.41 -19.71 -8.15
N ALA A 322 14.35 -20.16 -8.97
CA ALA A 322 15.06 -19.23 -9.86
C ALA A 322 14.08 -18.59 -10.83
N LYS A 323 13.27 -19.41 -11.51
CA LYS A 323 12.31 -18.88 -12.46
C LYS A 323 11.33 -17.92 -11.77
N ALA A 324 10.90 -18.24 -10.55
CA ALA A 324 9.97 -17.37 -9.85
C ALA A 324 10.58 -16.01 -9.56
N GLN A 325 11.85 -15.96 -9.16
CA GLN A 325 12.50 -14.69 -8.86
C GLN A 325 12.70 -13.87 -10.14
N GLN A 326 12.97 -14.54 -11.26
CA GLN A 326 13.05 -13.86 -12.54
C GLN A 326 11.74 -13.17 -12.87
N VAL A 327 10.63 -13.86 -12.65
CA VAL A 327 9.32 -13.27 -12.89
C VAL A 327 9.11 -12.04 -12.00
N LEU A 328 9.46 -12.15 -10.72
CA LEU A 328 9.31 -11.03 -9.80
C LEU A 328 10.14 -9.84 -10.27
N MET A 329 11.36 -10.11 -10.75
CA MET A 329 12.21 -9.02 -11.23
C MET A 329 11.61 -8.35 -12.45
N GLU A 330 11.02 -9.14 -13.36
CA GLU A 330 10.37 -8.55 -14.53
C GLU A 330 9.28 -7.58 -14.12
N ARG A 331 8.49 -7.92 -13.09
CA ARG A 331 7.41 -7.04 -12.67
C ARG A 331 7.92 -5.86 -11.86
N ALA A 332 8.94 -6.09 -11.04
CA ALA A 332 9.56 -4.97 -10.32
C ALA A 332 10.15 -3.96 -11.29
N ARG A 333 10.81 -4.43 -12.34
N ARG A 333 10.81 -4.44 -12.33
CA ARG A 333 11.38 -3.51 -13.32
CA ARG A 333 11.39 -3.56 -13.34
C ARG A 333 10.28 -2.77 -14.08
C ARG A 333 10.29 -2.78 -14.09
N ALA A 334 9.25 -3.49 -14.53
CA ALA A 334 8.13 -2.84 -15.19
C ALA A 334 7.55 -1.71 -14.35
N ASN A 335 7.36 -1.94 -13.05
CA ASN A 335 6.74 -0.91 -12.23
C ASN A 335 7.70 0.20 -11.86
N GLY A 336 8.99 -0.10 -11.68
CA GLY A 336 9.97 0.96 -11.54
C GLY A 336 10.03 1.84 -12.77
N GLU A 337 9.98 1.22 -13.95
CA GLU A 337 9.97 1.99 -15.18
C GLU A 337 8.68 2.79 -15.31
N ALA A 338 7.56 2.19 -14.94
CA ALA A 338 6.29 2.92 -14.91
C ALA A 338 6.33 4.13 -14.00
N GLN A 339 7.01 4.02 -12.86
CA GLN A 339 7.16 5.18 -11.99
C GLN A 339 7.77 6.35 -12.75
N LEU A 340 8.65 6.08 -13.70
CA LEU A 340 9.32 7.11 -14.48
C LEU A 340 8.57 7.43 -15.77
N GLY A 341 7.44 6.79 -16.02
CA GLY A 341 6.72 6.97 -17.27
C GLY A 341 7.45 6.39 -18.48
N LYS A 342 8.29 5.36 -18.27
CA LYS A 342 9.17 4.81 -19.29
C LYS A 342 8.92 3.32 -19.54
N TYR A 343 7.80 2.78 -19.09
CA TYR A 343 7.50 1.37 -19.30
C TYR A 343 6.96 1.15 -20.71
N GLY A 344 7.56 0.21 -21.44
CA GLY A 344 7.20 0.00 -22.81
C GLY A 344 6.14 -1.06 -23.07
N GLY A 345 5.46 -1.54 -22.04
CA GLY A 345 4.49 -2.61 -22.19
C GLY A 345 5.15 -3.98 -22.14
N GLY A 346 4.35 -4.99 -21.83
CA GLY A 346 4.88 -6.34 -21.66
C GLY A 346 3.94 -7.47 -22.04
N TYR A 361 -9.31 17.84 -20.74
CA TYR A 361 -9.56 17.88 -19.30
C TYR A 361 -11.06 17.85 -19.00
N VAL A 362 -11.45 16.95 -18.11
CA VAL A 362 -12.83 16.80 -17.66
C VAL A 362 -12.92 17.34 -16.24
N TYR A 363 -13.80 18.31 -16.04
CA TYR A 363 -13.91 19.00 -14.76
C TYR A 363 -15.00 18.39 -13.88
P 13P B . -2.85 -4.86 -3.37
O1P 13P B . -2.94 -6.37 -3.66
O2P 13P B . -4.24 -4.23 -3.43
O3P 13P B . -1.93 -4.14 -4.36
O1 13P B . -2.21 -4.61 -1.90
C1 13P B . -1.67 -3.31 -1.69
C2 13P B . -1.09 -3.10 -0.31
C3 13P B . -1.00 -4.13 0.52
O3 13P B . -0.49 -3.95 1.74
H11 13P B . -0.88 -3.13 -2.43
H12 13P B . -2.45 -2.57 -1.86
H31 13P B . -1.33 -5.10 0.21
HO3 13P B . -0.91 -3.32 2.34
O1 G3H C . -3.87 -3.85 0.72
C1 G3H C . -3.24 -4.08 1.75
C2 G3H C . -2.97 -5.50 2.23
O2 G3H C . -2.75 -6.39 1.13
C3 G3H C . -4.14 -6.03 3.09
O1P G3H C . -3.68 -7.10 3.94
O2P G3H C . -5.81 -8.47 4.12
O3P G3H C . -5.32 -6.77 5.86
O4P G3H C . -4.04 -8.87 5.77
P G3H C . -4.72 -7.82 4.94
H11 G3H C . -2.90 -3.35 2.25
H2 G3H C . -2.18 -5.49 2.77
HO2 G3H C . -3.52 -6.63 0.80
H31 G3H C . -4.51 -5.29 3.65
H32 G3H C . -4.84 -6.37 2.49
C1 GOL D . -4.96 -7.01 5.45
O1 GOL D . -5.90 -6.04 5.07
C2 GOL D . -5.58 -8.40 5.41
O2 GOL D . -5.72 -8.84 4.07
C3 GOL D . -4.71 -9.37 6.18
O3 GOL D . -3.59 -9.72 5.41
H11 GOL D . -4.11 -6.98 4.77
H12 GOL D . -4.61 -6.80 6.46
HO1 GOL D . -5.50 -5.14 5.17
H2 GOL D . -6.57 -8.36 5.89
HO2 GOL D . -4.82 -8.89 3.66
H31 GOL D . -4.39 -8.92 7.12
H32 GOL D . -5.29 -10.27 6.43
HO3 GOL D . -2.82 -9.17 5.68
#